data_4PA8
#
_entry.id   4PA8
#
_cell.length_a   62.557
_cell.length_b   68.804
_cell.length_c   69.341
_cell.angle_alpha   90.000
_cell.angle_beta   90.000
_cell.angle_gamma   90.000
#
_symmetry.space_group_name_H-M   'P 21 21 21'
#
loop_
_entity.id
_entity.type
_entity.pdbx_description
1 polymer retro-aldolase
2 non-polymer (3R)-3-(4-methoxyphenyl)-5-oxohexanenitrile
3 non-polymer 'SULFATE ION'
4 non-polymer GLYCEROL
5 water water
#
_entity_poly.entity_id   1
_entity_poly.type   'polypeptide(L)'
_entity_poly.pdbx_seq_one_letter_code
;MPRYLKGWLEDVVQLSLRRPSVHASRQRPIISLNERILEFNKRNITAIIAYYLRKSPSGLDVERDPIEYAKYMERYAVGL
SIKTEEKYFNGSYEMLRKIASSVSIPILMNDFIVKESQIDDAYNLGADTVLLIVNILTERELESLLEYARSYGMEPLILI
NDENDLDIALRIGARFIVIFSMNFETGEINKENQRKLISMIPSNVVKVAHLDISERNEIEELRKLGVNAFLISSSLMRNP
EKIKELIEGSLEHHHHHH
;
_entity_poly.pdbx_strand_id   A
#
loop_
_chem_comp.id
_chem_comp.type
_chem_comp.name
_chem_comp.formula
2K6 non-polymer (3R)-3-(4-methoxyphenyl)-5-oxohexanenitrile 'C13 H15 N O2'
GOL non-polymer GLYCEROL 'C3 H8 O3'
SO4 non-polymer 'SULFATE ION' 'O4 S -2'
#
# COMPACT_ATOMS: atom_id res chain seq x y z
N PRO A 2 -8.27 -5.21 17.14
CA PRO A 2 -6.80 -5.16 16.87
C PRO A 2 -6.03 -5.85 17.99
N ARG A 3 -4.73 -6.07 17.75
CA ARG A 3 -3.81 -6.61 18.74
C ARG A 3 -3.45 -5.58 19.79
N TYR A 4 -2.69 -6.00 20.79
CA TYR A 4 -2.24 -5.14 21.86
C TYR A 4 -1.23 -4.18 21.29
N LEU A 5 -1.51 -2.91 21.49
CA LEU A 5 -0.66 -1.85 20.90
C LEU A 5 -0.37 -0.85 22.03
N LYS A 6 0.68 -0.07 21.81
CA LYS A 6 1.04 0.98 22.74
C LYS A 6 1.45 2.21 21.96
N GLY A 7 1.50 3.34 22.65
CA GLY A 7 2.06 4.55 22.11
C GLY A 7 1.30 5.18 20.96
N TRP A 8 1.98 5.84 20.03
CA TRP A 8 1.33 6.56 18.95
C TRP A 8 0.51 5.56 18.12
N LEU A 9 1.00 4.33 17.95
CA LEU A 9 0.31 3.39 17.09
C LEU A 9 -1.03 2.96 17.72
N GLU A 10 -1.03 2.78 19.05
CA GLU A 10 -2.30 2.55 19.73
CA GLU A 10 -2.31 2.55 19.76
C GLU A 10 -3.24 3.75 19.54
N ASP A 11 -2.69 4.97 19.67
CA ASP A 11 -3.51 6.17 19.55
CA ASP A 11 -3.54 6.14 19.56
C ASP A 11 -4.13 6.24 18.16
N VAL A 12 -3.34 5.97 17.13
CA VAL A 12 -3.88 6.10 15.77
CA VAL A 12 -3.80 6.05 15.76
C VAL A 12 -4.87 5.01 15.48
N VAL A 13 -4.69 3.82 16.01
CA VAL A 13 -5.71 2.76 15.80
C VAL A 13 -6.99 3.09 16.54
N GLN A 14 -6.89 3.58 17.76
CA GLN A 14 -8.10 4.01 18.49
C GLN A 14 -8.87 5.10 17.74
N LEU A 15 -8.15 6.05 17.15
CA LEU A 15 -8.80 7.09 16.37
C LEU A 15 -9.39 6.51 15.11
N SER A 16 -8.68 5.57 14.47
CA SER A 16 -9.18 4.96 13.24
C SER A 16 -10.44 4.17 13.47
N LEU A 17 -10.57 3.48 14.61
CA LEU A 17 -11.80 2.79 14.97
C LEU A 17 -12.98 3.75 15.09
N ARG A 18 -12.72 5.01 15.33
CA ARG A 18 -13.74 6.04 15.50
C ARG A 18 -13.95 6.88 14.23
N ARG A 19 -13.33 6.50 13.13
CA ARG A 19 -13.39 7.30 11.90
C ARG A 19 -14.81 7.32 11.40
N PRO A 20 -15.49 8.45 11.23
CA PRO A 20 -16.84 8.40 10.73
C PRO A 20 -16.89 7.93 9.27
N SER A 21 -17.92 7.17 8.95
CA SER A 21 -18.04 6.69 7.58
C SER A 21 -18.51 7.79 6.65
N VAL A 22 -18.09 7.68 5.39
CA VAL A 22 -18.58 8.63 4.39
C VAL A 22 -19.71 8.09 3.52
N HIS A 23 -20.65 8.89 3.09
CA HIS A 23 -21.86 8.43 2.37
C HIS A 23 -21.78 8.65 0.85
N ALA A 24 -20.59 9.00 0.39
CA ALA A 24 -20.11 9.15 -0.99
C ALA A 24 -20.54 7.99 -1.86
N SER A 25 -20.68 8.29 -3.15
CA SER A 25 -20.93 7.35 -4.20
C SER A 25 -19.68 7.35 -5.08
N ARG A 26 -19.23 6.15 -5.38
CA ARG A 26 -18.02 6.03 -6.21
C ARG A 26 -18.14 6.70 -7.59
N GLN A 27 -17.07 7.35 -8.07
CA GLN A 27 -17.05 8.21 -9.28
C GLN A 27 -16.30 7.62 -10.45
N ARG A 28 -15.79 6.39 -10.27
CA ARG A 28 -14.92 5.67 -11.21
C ARG A 28 -15.08 4.17 -10.99
N PRO A 29 -14.69 3.29 -11.94
CA PRO A 29 -14.65 1.86 -11.70
C PRO A 29 -13.45 1.53 -10.78
N ILE A 30 -13.31 0.27 -10.40
CA ILE A 30 -12.08 -0.26 -9.82
C ILE A 30 -11.04 -0.35 -10.92
N ILE A 31 -9.94 0.33 -10.72
CA ILE A 31 -8.79 0.27 -11.66
C ILE A 31 -7.72 -0.51 -10.90
N SER A 32 -7.63 -1.82 -11.16
CA SER A 32 -6.93 -2.74 -10.25
C SER A 32 -5.44 -2.48 -10.26
N LEU A 33 -4.87 -2.31 -9.05
CA LEU A 33 -3.44 -2.11 -8.90
C LEU A 33 -2.62 -3.39 -9.19
N ASN A 34 -3.01 -4.49 -8.52
CA ASN A 34 -2.28 -5.73 -8.72
C ASN A 34 -2.32 -6.16 -10.18
N GLU A 35 -3.45 -6.04 -10.85
CA GLU A 35 -3.50 -6.42 -12.26
C GLU A 35 -2.65 -5.50 -13.11
N ARG A 36 -2.62 -4.18 -12.84
CA ARG A 36 -1.75 -3.33 -13.66
C ARG A 36 -0.29 -3.62 -13.42
N ILE A 37 0.08 -3.99 -12.20
CA ILE A 37 1.47 -4.43 -12.00
C ILE A 37 1.84 -5.59 -12.87
N LEU A 38 0.96 -6.58 -12.95
CA LEU A 38 1.24 -7.72 -13.81
C LEU A 38 1.31 -7.30 -15.28
N GLU A 39 0.49 -6.36 -15.72
CA GLU A 39 0.60 -5.83 -17.06
C GLU A 39 1.92 -5.14 -17.29
N PHE A 40 2.38 -4.29 -16.36
CA PHE A 40 3.67 -3.66 -16.52
C PHE A 40 4.79 -4.69 -16.59
N ASN A 41 4.70 -5.76 -15.80
CA ASN A 41 5.67 -6.84 -15.88
C ASN A 41 5.72 -7.50 -17.26
N LYS A 42 4.55 -7.76 -17.83
CA LYS A 42 4.51 -8.33 -19.20
C LYS A 42 5.08 -7.33 -20.20
N ARG A 43 4.96 -6.00 -20.03
CA ARG A 43 5.41 -4.97 -20.95
C ARG A 43 6.86 -4.59 -20.66
N ASN A 44 7.48 -5.21 -19.67
CA ASN A 44 8.85 -4.94 -19.22
C ASN A 44 9.00 -3.46 -18.87
N ILE A 45 8.01 -2.91 -18.17
CA ILE A 45 8.14 -1.53 -17.68
C ILE A 45 8.27 -1.60 -16.16
N THR A 46 9.30 -1.03 -15.55
CA THR A 46 9.43 -1.09 -14.09
C THR A 46 8.21 -0.44 -13.46
N ALA A 47 7.64 -1.11 -12.46
CA ALA A 47 6.38 -0.73 -11.85
C ALA A 47 6.64 -0.08 -10.50
N ILE A 48 6.47 1.24 -10.48
CA ILE A 48 6.74 2.08 -9.32
C ILE A 48 5.40 2.58 -8.76
N ILE A 49 5.14 2.31 -7.48
CA ILE A 49 4.02 2.89 -6.76
C ILE A 49 4.56 4.16 -6.12
N ALA A 50 4.13 5.28 -6.66
CA ALA A 50 4.45 6.58 -6.10
C ALA A 50 3.56 6.86 -4.89
N TYR A 51 3.84 7.92 -4.17
CA TYR A 51 3.13 8.18 -2.91
C TYR A 51 2.82 9.68 -2.85
N TYR A 52 1.84 9.96 -2.02
CA TYR A 52 1.50 11.32 -1.57
C TYR A 52 1.26 11.27 -0.09
N LEU A 53 1.95 12.11 0.65
CA LEU A 53 1.82 12.22 2.11
C LEU A 53 2.04 13.70 2.38
N ARG A 54 1.06 14.40 2.90
CA ARG A 54 1.21 15.83 3.26
C ARG A 54 2.00 15.92 4.56
N LYS A 55 3.13 16.62 4.54
CA LYS A 55 4.01 16.70 5.66
C LYS A 55 3.70 18.02 6.41
N ARG A 64 3.64 21.37 -3.15
CA ARG A 64 3.32 20.38 -4.20
C ARG A 64 1.80 20.24 -4.31
N ASP A 65 1.21 21.03 -5.22
CA ASP A 65 -0.22 20.90 -5.53
C ASP A 65 -0.47 19.41 -5.83
N PRO A 66 -1.38 18.89 -5.02
CA PRO A 66 -1.59 17.42 -5.08
C PRO A 66 -2.12 16.93 -6.43
N ILE A 67 -2.92 17.75 -7.12
CA ILE A 67 -3.52 17.25 -8.36
C ILE A 67 -2.48 17.30 -9.45
N GLU A 68 -1.66 18.39 -9.41
CA GLU A 68 -0.68 18.45 -10.47
C GLU A 68 0.29 17.31 -10.29
N TYR A 69 0.62 17.02 -9.03
CA TYR A 69 1.52 15.92 -8.74
C TYR A 69 0.94 14.60 -9.20
N ALA A 70 -0.34 14.34 -8.87
CA ALA A 70 -0.97 13.09 -9.29
C ALA A 70 -0.99 12.97 -10.80
N LYS A 71 -1.25 14.09 -11.50
CA LYS A 71 -1.29 14.01 -12.96
C LYS A 71 0.08 13.73 -13.54
N TYR A 72 1.13 14.22 -12.90
CA TYR A 72 2.52 13.94 -13.32
C TYR A 72 2.76 12.44 -13.20
N MET A 73 2.42 11.93 -12.01
CA MET A 73 2.65 10.53 -11.68
C MET A 73 1.83 9.63 -12.55
N GLU A 74 0.65 10.07 -13.00
CA GLU A 74 -0.16 9.28 -13.89
C GLU A 74 0.58 8.90 -15.18
N ARG A 75 1.56 9.71 -15.57
CA ARG A 75 2.35 9.54 -16.76
C ARG A 75 3.39 8.43 -16.61
N TYR A 76 3.80 8.10 -15.38
CA TYR A 76 4.94 7.24 -15.12
C TYR A 76 4.68 6.11 -14.15
N ALA A 77 3.97 6.32 -13.07
CA ALA A 77 3.82 5.37 -12.01
C ALA A 77 2.82 4.30 -12.38
N VAL A 78 2.98 3.10 -11.76
CA VAL A 78 1.99 2.06 -11.88
C VAL A 78 0.75 2.30 -11.04
N GLY A 79 0.93 3.04 -9.92
CA GLY A 79 -0.17 3.40 -9.02
C GLY A 79 0.29 4.49 -8.09
N LEU A 80 -0.64 5.00 -7.30
CA LEU A 80 -0.38 6.09 -6.37
C LEU A 80 -0.93 5.75 -5.00
N SER A 81 -0.10 5.75 -3.98
CA SER A 81 -0.48 5.59 -2.59
C SER A 81 -0.82 6.95 -2.00
N ILE A 82 -1.94 7.07 -1.34
CA ILE A 82 -2.35 8.33 -0.73
C ILE A 82 -2.55 8.09 0.76
N LYS A 83 -1.84 8.83 1.60
CA LYS A 83 -1.94 8.66 3.04
C LYS A 83 -3.13 9.43 3.59
N THR A 84 -4.14 8.73 4.09
CA THR A 84 -5.41 9.37 4.49
C THR A 84 -5.62 9.43 6.00
N GLU A 85 -4.66 8.99 6.80
CA GLU A 85 -4.76 9.15 8.26
C GLU A 85 -4.68 10.65 8.53
N GLU A 86 -5.55 11.13 9.44
CA GLU A 86 -5.70 12.55 9.67
C GLU A 86 -4.85 13.21 10.74
N LYS A 87 -4.72 12.63 11.91
CA LYS A 87 -4.13 13.32 13.05
C LYS A 87 -2.63 13.40 12.96
N TYR A 88 -2.02 12.28 12.58
CA TYR A 88 -0.55 12.21 12.55
C TYR A 88 0.04 12.37 11.19
N PHE A 89 -0.67 12.01 10.15
CA PHE A 89 -0.09 12.04 8.80
C PHE A 89 -0.78 13.04 7.91
N ASN A 90 -1.62 13.88 8.47
CA ASN A 90 -2.13 15.08 7.78
C ASN A 90 -2.96 14.81 6.55
N GLY A 91 -3.55 13.63 6.49
CA GLY A 91 -4.35 13.25 5.33
C GLY A 91 -5.80 13.50 5.53
N SER A 92 -6.56 13.16 4.46
CA SER A 92 -8.01 13.32 4.53
C SER A 92 -8.63 12.49 3.44
N TYR A 93 -9.90 12.17 3.70
CA TYR A 93 -10.70 11.56 2.68
C TYR A 93 -11.00 12.52 1.51
N GLU A 94 -11.12 13.81 1.76
CA GLU A 94 -11.34 14.73 0.65
C GLU A 94 -10.16 14.74 -0.31
N MET A 95 -8.94 14.73 0.23
CA MET A 95 -7.77 14.69 -0.65
C MET A 95 -7.74 13.43 -1.54
N LEU A 96 -8.05 12.28 -0.94
CA LEU A 96 -8.18 11.05 -1.71
CA LEU A 96 -8.07 11.09 -1.83
C LEU A 96 -9.20 11.14 -2.85
N ARG A 97 -10.39 11.62 -2.48
CA ARG A 97 -11.44 11.74 -3.45
CA ARG A 97 -11.48 11.79 -3.41
C ARG A 97 -11.09 12.68 -4.59
N LYS A 98 -10.49 13.83 -4.29
CA LYS A 98 -10.12 14.79 -5.33
C LYS A 98 -9.03 14.16 -6.22
N ILE A 99 -8.05 13.48 -5.65
CA ILE A 99 -7.01 12.91 -6.49
C ILE A 99 -7.57 11.81 -7.35
N ALA A 100 -8.35 10.92 -6.72
CA ALA A 100 -8.93 9.80 -7.46
C ALA A 100 -9.82 10.28 -8.61
N SER A 101 -10.57 11.32 -8.48
CA SER A 101 -11.40 11.87 -9.52
C SER A 101 -10.59 12.48 -10.64
N SER A 102 -9.29 12.78 -10.39
CA SER A 102 -8.47 13.52 -11.33
CA SER A 102 -8.63 13.50 -11.49
C SER A 102 -7.62 12.65 -12.26
N VAL A 103 -7.40 11.39 -11.88
CA VAL A 103 -6.52 10.52 -12.61
C VAL A 103 -7.17 9.15 -12.80
N SER A 104 -6.61 8.36 -13.74
CA SER A 104 -7.13 7.05 -14.09
C SER A 104 -6.13 5.93 -13.84
N ILE A 105 -5.14 6.20 -12.97
CA ILE A 105 -4.27 5.15 -12.50
C ILE A 105 -4.79 4.59 -11.17
N PRO A 106 -4.38 3.38 -10.81
CA PRO A 106 -4.79 2.81 -9.54
C PRO A 106 -4.33 3.64 -8.34
N ILE A 107 -5.25 3.68 -7.37
CA ILE A 107 -5.04 4.42 -6.12
C ILE A 107 -5.11 3.47 -4.95
N LEU A 108 -4.05 3.51 -4.13
CA LEU A 108 -3.99 2.75 -2.87
C LEU A 108 -4.31 3.69 -1.72
N MET A 109 -5.33 3.36 -0.94
CA MET A 109 -5.59 4.12 0.31
C MET A 109 -4.66 3.59 1.37
N ASN A 110 -3.76 4.43 1.82
CA ASN A 110 -2.71 4.08 2.78
C ASN A 110 -3.11 4.70 4.12
N ASP A 111 -3.53 3.83 5.03
CA ASP A 111 -4.11 4.24 6.31
C ASP A 111 -3.98 3.05 7.24
N PHE A 112 -4.57 3.16 8.41
CA PHE A 112 -4.59 2.11 9.44
C PHE A 112 -6.00 1.52 9.42
N ILE A 113 -6.18 0.51 8.58
CA ILE A 113 -7.49 -0.08 8.29
C ILE A 113 -7.78 -1.18 9.29
N VAL A 114 -8.73 -0.92 10.17
CA VAL A 114 -9.04 -1.79 11.28
C VAL A 114 -10.53 -2.10 11.38
N LYS A 115 -11.38 -1.53 10.56
CA LYS A 115 -12.81 -1.84 10.58
C LYS A 115 -13.33 -1.80 9.17
N GLU A 116 -14.43 -2.56 8.96
CA GLU A 116 -15.04 -2.67 7.65
C GLU A 116 -15.44 -1.31 7.10
N SER A 117 -15.95 -0.39 7.90
CA SER A 117 -16.43 0.86 7.32
C SER A 117 -15.30 1.64 6.66
N GLN A 118 -14.04 1.44 7.04
CA GLN A 118 -12.97 2.14 6.33
C GLN A 118 -12.80 1.57 4.93
N ILE A 119 -13.09 0.31 4.71
CA ILE A 119 -13.07 -0.25 3.36
C ILE A 119 -14.24 0.27 2.58
N ASP A 120 -15.42 0.37 3.20
CA ASP A 120 -16.54 1.05 2.56
C ASP A 120 -16.10 2.46 2.12
N ASP A 121 -15.44 3.18 3.00
CA ASP A 121 -14.98 4.56 2.69
C ASP A 121 -14.06 4.56 1.49
N ALA A 122 -13.07 3.66 1.51
CA ALA A 122 -12.14 3.56 0.37
C ALA A 122 -12.89 3.36 -0.94
N TYR A 123 -13.82 2.41 -0.96
CA TYR A 123 -14.57 2.13 -2.16
C TYR A 123 -15.38 3.36 -2.58
N ASN A 124 -16.09 3.96 -1.62
CA ASN A 124 -16.98 5.07 -1.96
C ASN A 124 -16.22 6.32 -2.42
N LEU A 125 -14.96 6.46 -2.01
CA LEU A 125 -14.17 7.64 -2.34
C LEU A 125 -13.40 7.51 -3.64
N GLY A 126 -13.31 6.29 -4.18
CA GLY A 126 -12.61 6.04 -5.42
C GLY A 126 -11.30 5.30 -5.32
N ALA A 127 -10.86 4.88 -4.14
CA ALA A 127 -9.62 4.08 -4.05
C ALA A 127 -9.83 2.74 -4.71
N ASP A 128 -8.76 2.20 -5.25
CA ASP A 128 -8.81 0.88 -5.94
C ASP A 128 -8.40 -0.26 -5.02
N THR A 129 -7.69 0.04 -3.93
CA THR A 129 -7.31 -0.95 -2.94
C THR A 129 -6.95 -0.23 -1.68
N VAL A 130 -6.72 -1.01 -0.64
CA VAL A 130 -6.35 -0.54 0.70
C VAL A 130 -5.12 -1.29 1.18
N LEU A 131 -4.37 -0.67 2.06
CA LEU A 131 -3.30 -1.31 2.80
C LEU A 131 -3.89 -2.02 4.02
N LEU A 132 -3.50 -3.25 4.28
CA LEU A 132 -3.80 -3.95 5.53
C LEU A 132 -2.49 -4.30 6.18
N ILE A 133 -2.39 -4.13 7.49
CA ILE A 133 -1.10 -4.27 8.23
C ILE A 133 -1.22 -5.46 9.15
N VAL A 134 -0.45 -6.52 8.85
CA VAL A 134 -0.63 -7.76 9.59
C VAL A 134 -0.46 -7.59 11.09
N ASN A 135 0.59 -6.83 11.47
CA ASN A 135 0.97 -6.82 12.88
C ASN A 135 0.12 -5.90 13.75
N ILE A 136 -0.94 -5.27 13.24
CA ILE A 136 -1.89 -4.61 14.15
C ILE A 136 -3.20 -5.38 14.29
N LEU A 137 -3.39 -6.45 13.53
CA LEU A 137 -4.64 -7.18 13.46
C LEU A 137 -4.44 -8.62 13.94
N THR A 138 -5.48 -9.25 14.49
CA THR A 138 -5.35 -10.70 14.67
C THR A 138 -5.46 -11.37 13.32
N GLU A 139 -5.06 -12.62 13.24
CA GLU A 139 -5.19 -13.36 12.01
C GLU A 139 -6.63 -13.43 11.56
N ARG A 140 -7.56 -13.65 12.49
CA ARG A 140 -8.95 -13.72 12.12
C ARG A 140 -9.48 -12.36 11.65
N GLU A 141 -9.03 -11.27 12.28
CA GLU A 141 -9.43 -9.96 11.80
C GLU A 141 -8.93 -9.72 10.39
N LEU A 142 -7.68 -10.05 10.13
CA LEU A 142 -7.09 -9.84 8.83
C LEU A 142 -7.82 -10.65 7.77
N GLU A 143 -8.14 -11.90 8.08
CA GLU A 143 -8.84 -12.76 7.11
C GLU A 143 -10.20 -12.13 6.78
N SER A 144 -10.93 -11.66 7.80
CA SER A 144 -12.23 -11.04 7.60
C SER A 144 -12.12 -9.78 6.76
N LEU A 145 -11.16 -8.91 7.00
CA LEU A 145 -10.99 -7.68 6.22
C LEU A 145 -10.53 -8.00 4.82
N LEU A 146 -9.71 -9.02 4.62
CA LEU A 146 -9.30 -9.46 3.29
C LEU A 146 -10.52 -9.82 2.46
N GLU A 147 -11.38 -10.67 3.05
CA GLU A 147 -12.61 -11.08 2.39
CA GLU A 147 -12.59 -11.09 2.32
C GLU A 147 -13.48 -9.89 2.09
N TYR A 148 -13.56 -8.96 3.04
CA TYR A 148 -14.45 -7.80 2.85
C TYR A 148 -13.94 -6.95 1.70
N ALA A 149 -12.64 -6.69 1.61
CA ALA A 149 -12.07 -5.93 0.49
C ALA A 149 -12.35 -6.64 -0.83
N ARG A 150 -12.13 -7.94 -0.83
CA ARG A 150 -12.37 -8.70 -2.06
C ARG A 150 -13.82 -8.63 -2.48
N SER A 151 -14.76 -8.49 -1.56
CA SER A 151 -16.18 -8.36 -1.95
C SER A 151 -16.47 -7.09 -2.73
N TYR A 152 -15.58 -6.09 -2.66
CA TYR A 152 -15.70 -4.94 -3.53
C TYR A 152 -14.84 -5.00 -4.78
N GLY A 153 -14.20 -6.12 -5.01
CA GLY A 153 -13.30 -6.27 -6.15
C GLY A 153 -11.90 -5.72 -5.89
N MET A 154 -11.55 -5.49 -4.64
CA MET A 154 -10.23 -4.98 -4.26
C MET A 154 -9.36 -6.09 -3.72
N GLU A 155 -8.20 -6.27 -4.29
CA GLU A 155 -7.19 -7.17 -3.63
C GLU A 155 -6.33 -6.26 -2.76
N PRO A 156 -6.43 -6.35 -1.44
CA PRO A 156 -5.69 -5.45 -0.58
C PRO A 156 -4.19 -5.75 -0.65
N LEU A 157 -3.41 -4.72 -0.38
CA LEU A 157 -1.96 -4.83 -0.27
C LEU A 157 -1.65 -5.09 1.20
N ILE A 158 -1.15 -6.30 1.49
CA ILE A 158 -0.91 -6.74 2.85
C ILE A 158 0.55 -6.56 3.23
N LEU A 159 0.78 -5.77 4.29
CA LEU A 159 2.13 -5.43 4.75
CA LEU A 159 2.12 -5.42 4.74
C LEU A 159 2.63 -6.41 5.79
N ILE A 160 3.81 -6.98 5.47
CA ILE A 160 4.50 -7.87 6.39
C ILE A 160 5.81 -7.23 6.82
N ASN A 161 6.18 -7.53 8.10
CA ASN A 161 7.34 -7.04 8.80
CA ASN A 161 7.51 -6.99 8.44
C ASN A 161 8.43 -8.07 8.99
N ASP A 162 8.00 -9.30 9.09
CA ASP A 162 8.79 -10.43 9.63
C ASP A 162 8.15 -11.75 9.24
N GLU A 163 8.78 -12.86 9.59
CA GLU A 163 8.30 -14.17 9.17
CA GLU A 163 8.32 -14.19 9.22
C GLU A 163 7.00 -14.55 9.87
N ASN A 164 6.77 -14.10 11.10
CA ASN A 164 5.47 -14.38 11.71
CA ASN A 164 5.48 -14.34 11.75
C ASN A 164 4.34 -13.73 10.92
N ASP A 165 4.54 -12.48 10.50
CA ASP A 165 3.53 -11.80 9.68
C ASP A 165 3.34 -12.55 8.34
N LEU A 166 4.44 -12.97 7.73
CA LEU A 166 4.34 -13.73 6.49
C LEU A 166 3.52 -15.00 6.61
N ASP A 167 3.77 -15.74 7.70
CA ASP A 167 3.07 -16.98 7.90
C ASP A 167 1.59 -16.71 7.97
N ILE A 168 1.17 -15.68 8.67
CA ILE A 168 -0.25 -15.30 8.70
C ILE A 168 -0.79 -15.00 7.32
N ALA A 169 -0.07 -14.13 6.61
CA ALA A 169 -0.52 -13.66 5.30
C ALA A 169 -0.71 -14.85 4.34
N LEU A 170 0.18 -15.78 4.33
CA LEU A 170 0.05 -16.94 3.46
C LEU A 170 -1.04 -17.89 3.94
N ARG A 171 -1.20 -18.06 5.26
CA ARG A 171 -2.24 -18.94 5.71
C ARG A 171 -3.60 -18.42 5.31
N ILE A 172 -3.81 -17.09 5.32
CA ILE A 172 -5.10 -16.56 4.94
C ILE A 172 -5.26 -16.37 3.44
N GLY A 173 -4.22 -16.66 2.65
CA GLY A 173 -4.36 -16.64 1.22
C GLY A 173 -4.17 -15.30 0.59
N ALA A 174 -3.37 -14.42 1.20
CA ALA A 174 -3.06 -13.14 0.55
C ALA A 174 -2.46 -13.31 -0.82
N ARG A 175 -2.84 -12.49 -1.81
CA ARG A 175 -2.27 -12.55 -3.13
CA ARG A 175 -2.25 -12.57 -3.13
C ARG A 175 -1.51 -11.27 -3.51
N PHE A 176 -1.35 -10.35 -2.57
CA PHE A 176 -0.72 -9.07 -2.88
C PHE A 176 -0.04 -8.60 -1.61
N ILE A 177 1.30 -8.66 -1.55
CA ILE A 177 2.04 -8.43 -0.32
C ILE A 177 3.12 -7.39 -0.55
N VAL A 178 3.30 -6.48 0.42
CA VAL A 178 4.39 -5.54 0.44
C VAL A 178 5.33 -5.91 1.58
N ILE A 179 6.63 -5.84 1.29
N ILE A 179 6.60 -6.05 1.20
CA ILE A 179 7.74 -6.16 2.17
CA ILE A 179 7.63 -6.56 2.10
C ILE A 179 8.66 -4.95 2.28
C ILE A 179 8.36 -5.35 2.62
N PHE A 180 8.92 -4.51 3.52
N PHE A 180 8.22 -5.04 3.90
CA PHE A 180 9.92 -3.46 3.73
CA PHE A 180 9.06 -3.98 4.48
C PHE A 180 11.33 -3.91 4.13
C PHE A 180 9.80 -4.56 5.66
N SER A 181 12.25 -2.91 4.22
N SER A 181 11.06 -4.94 5.62
CA SER A 181 13.61 -3.34 4.58
CA SER A 181 11.69 -5.54 6.82
C SER A 181 13.95 -2.91 6.00
C SER A 181 12.26 -4.44 7.71
N MET A 182 12.95 -2.50 6.77
CA MET A 182 13.32 -2.12 8.13
C MET A 182 12.21 -2.58 9.06
N ASN A 183 12.58 -3.20 10.18
CA ASN A 183 11.54 -3.64 11.10
C ASN A 183 10.75 -2.41 11.57
N PHE A 184 9.45 -2.53 11.49
CA PHE A 184 8.55 -1.58 12.13
C PHE A 184 8.31 -2.03 13.59
N GLY A 187 14.14 0.24 15.06
CA GLY A 187 13.75 0.54 13.67
C GLY A 187 14.79 0.10 12.65
N GLU A 188 15.30 -1.10 12.83
CA GLU A 188 16.44 -1.70 12.17
C GLU A 188 16.21 -2.01 10.67
N ILE A 189 17.11 -1.52 9.84
CA ILE A 189 17.11 -1.70 8.38
C ILE A 189 17.89 -2.97 8.08
N ASN A 190 17.29 -3.88 7.31
CA ASN A 190 18.04 -5.10 6.99
C ASN A 190 17.66 -5.55 5.62
N LYS A 191 18.52 -5.29 4.64
CA LYS A 191 18.24 -5.62 3.25
C LYS A 191 18.27 -7.14 3.06
N GLU A 192 19.17 -7.83 3.76
CA GLU A 192 19.19 -9.27 3.64
C GLU A 192 17.88 -9.84 4.10
N ASN A 193 17.31 -9.29 5.17
CA ASN A 193 16.08 -9.87 5.67
C ASN A 193 14.92 -9.62 4.73
N GLN A 194 14.92 -8.46 4.09
CA GLN A 194 13.93 -8.15 3.07
C GLN A 194 14.00 -9.19 1.96
N ARG A 195 15.20 -9.50 1.48
CA ARG A 195 15.37 -10.52 0.45
C ARG A 195 14.92 -11.89 0.96
N LYS A 196 15.17 -12.20 2.19
CA LYS A 196 14.71 -13.47 2.73
C LYS A 196 13.20 -13.56 2.69
N LEU A 197 12.50 -12.53 3.16
CA LEU A 197 11.04 -12.55 3.15
C LEU A 197 10.49 -12.63 1.74
N ILE A 198 11.11 -11.86 0.81
CA ILE A 198 10.68 -11.95 -0.59
C ILE A 198 10.77 -13.36 -1.11
N SER A 199 11.87 -14.04 -0.75
CA SER A 199 12.08 -15.40 -1.30
C SER A 199 11.01 -16.36 -0.81
N MET A 200 10.45 -16.11 0.38
CA MET A 200 9.51 -17.00 1.04
C MET A 200 8.09 -16.80 0.62
N ILE A 201 7.83 -15.99 -0.41
CA ILE A 201 6.50 -15.74 -0.92
C ILE A 201 6.32 -16.46 -2.24
N PRO A 202 5.31 -17.27 -2.48
CA PRO A 202 5.17 -17.97 -3.74
C PRO A 202 4.97 -17.10 -4.91
N SER A 203 5.23 -17.68 -6.08
CA SER A 203 5.21 -16.90 -7.30
C SER A 203 3.83 -16.52 -7.76
N ASN A 204 2.75 -17.05 -7.23
CA ASN A 204 1.42 -16.57 -7.61
C ASN A 204 0.97 -15.39 -6.79
N VAL A 205 1.82 -14.86 -5.91
CA VAL A 205 1.55 -13.64 -5.16
C VAL A 205 2.26 -12.45 -5.80
N VAL A 206 1.53 -11.36 -6.00
CA VAL A 206 2.15 -10.12 -6.50
C VAL A 206 2.90 -9.51 -5.32
N LYS A 207 4.20 -9.32 -5.51
CA LYS A 207 5.09 -8.89 -4.46
CA LYS A 207 5.13 -8.89 -4.51
C LYS A 207 5.59 -7.45 -4.72
N VAL A 208 5.50 -6.63 -3.69
CA VAL A 208 5.94 -5.23 -3.74
C VAL A 208 7.05 -5.08 -2.72
N ALA A 209 8.21 -4.56 -3.13
CA ALA A 209 9.28 -4.23 -2.21
C ALA A 209 9.30 -2.73 -1.95
N HIS A 210 9.41 -2.37 -0.68
CA HIS A 210 9.69 -0.98 -0.40
C HIS A 210 11.12 -0.73 -0.87
N LEU A 211 11.36 0.40 -1.50
CA LEU A 211 12.64 0.73 -2.06
C LEU A 211 12.96 2.16 -1.75
N ASP A 212 14.20 2.45 -1.40
CA ASP A 212 14.62 3.87 -1.37
C ASP A 212 15.16 4.27 -2.75
N ILE A 213 15.06 5.52 -3.18
CA ILE A 213 15.56 5.89 -4.49
C ILE A 213 17.04 5.59 -4.60
N SER A 214 17.78 5.60 -3.48
CA SER A 214 19.21 5.30 -3.53
C SER A 214 19.46 3.83 -3.86
N GLU A 215 18.45 2.97 -3.82
CA GLU A 215 18.55 1.57 -4.05
C GLU A 215 18.15 1.25 -5.46
N ARG A 216 18.05 2.21 -6.37
CA ARG A 216 17.60 1.85 -7.72
C ARG A 216 18.48 0.84 -8.47
N ASN A 217 19.76 0.74 -8.15
CA ASN A 217 20.61 -0.22 -8.85
C ASN A 217 20.20 -1.65 -8.48
N GLU A 218 19.38 -1.81 -7.43
CA GLU A 218 18.95 -3.14 -7.05
C GLU A 218 17.69 -3.61 -7.75
N ILE A 219 17.04 -2.79 -8.52
CA ILE A 219 15.75 -3.17 -9.14
C ILE A 219 15.91 -4.41 -10.00
N GLU A 220 16.99 -4.47 -10.80
CA GLU A 220 17.15 -5.62 -11.71
C GLU A 220 17.18 -6.94 -10.97
N GLU A 221 18.00 -6.96 -9.95
CA GLU A 221 18.12 -8.20 -9.17
C GLU A 221 16.86 -8.50 -8.41
N LEU A 222 16.21 -7.47 -7.84
CA LEU A 222 14.97 -7.71 -7.12
C LEU A 222 13.90 -8.26 -8.05
N ARG A 223 13.82 -7.79 -9.30
CA ARG A 223 12.90 -8.39 -10.26
C ARG A 223 13.22 -9.85 -10.49
N LYS A 224 14.49 -10.22 -10.64
CA LYS A 224 14.87 -11.61 -10.84
C LYS A 224 14.49 -12.48 -9.65
N LEU A 225 14.50 -11.88 -8.46
CA LEU A 225 14.16 -12.58 -7.25
C LEU A 225 12.66 -12.66 -7.01
N GLY A 226 11.88 -12.07 -7.90
CA GLY A 226 10.44 -12.19 -7.86
C GLY A 226 9.68 -10.93 -7.47
N VAL A 227 10.35 -9.84 -7.18
CA VAL A 227 9.60 -8.63 -6.90
C VAL A 227 8.90 -8.11 -8.16
N ASN A 228 7.61 -7.83 -8.05
CA ASN A 228 6.84 -7.32 -9.17
C ASN A 228 6.75 -5.82 -9.26
N ALA A 229 6.79 -5.10 -8.13
CA ALA A 229 6.68 -3.66 -8.13
C ALA A 229 7.43 -3.10 -6.90
N PHE A 230 7.62 -1.76 -6.91
CA PHE A 230 8.42 -1.11 -5.87
C PHE A 230 7.61 0.03 -5.31
N LEU A 231 7.53 0.10 -3.98
CA LEU A 231 6.81 1.16 -3.28
C LEU A 231 7.85 2.16 -2.79
N ILE A 232 7.65 3.43 -3.17
CA ILE A 232 8.54 4.52 -2.74
C ILE A 232 7.82 5.33 -1.65
N SER A 233 8.60 5.86 -0.70
CA SER A 233 8.00 6.68 0.33
C SER A 233 8.77 7.94 0.66
N SER A 234 9.83 8.24 -0.07
CA SER A 234 10.67 9.42 0.14
C SER A 234 11.14 9.94 -1.21
N SER A 235 11.52 11.20 -1.23
CA SER A 235 12.18 11.88 -2.34
C SER A 235 11.34 12.36 -3.50
N LEU A 236 10.18 11.73 -3.82
CA LEU A 236 9.44 12.07 -5.02
C LEU A 236 8.58 13.30 -4.94
N MET A 237 8.08 13.59 -3.76
CA MET A 237 7.29 14.82 -3.65
C MET A 237 8.20 16.01 -3.79
N ARG A 238 9.44 15.98 -3.26
CA ARG A 238 10.33 17.14 -3.39
C ARG A 238 10.78 17.27 -4.83
N ASN A 239 11.00 16.11 -5.51
CA ASN A 239 11.58 16.06 -6.86
C ASN A 239 10.89 14.95 -7.68
N PRO A 240 9.67 15.27 -8.14
CA PRO A 240 8.89 14.26 -8.85
C PRO A 240 9.58 13.61 -10.04
N GLU A 241 10.42 14.37 -10.74
CA GLU A 241 11.10 13.84 -11.91
C GLU A 241 12.03 12.68 -11.62
N LYS A 242 12.36 12.50 -10.36
CA LYS A 242 13.21 11.37 -9.98
C LYS A 242 12.54 10.04 -10.35
N ILE A 243 11.20 10.03 -10.51
CA ILE A 243 10.60 8.74 -10.88
C ILE A 243 11.09 8.28 -12.25
N LYS A 244 11.48 9.21 -13.10
CA LYS A 244 11.91 8.81 -14.44
C LYS A 244 13.20 8.02 -14.38
N GLU A 245 14.03 8.32 -13.35
CA GLU A 245 15.26 7.54 -13.44
C GLU A 245 15.02 6.18 -12.83
N LEU A 246 14.00 5.97 -12.01
CA LEU A 246 13.74 4.65 -11.43
C LEU A 246 13.33 3.69 -12.53
N ILE A 247 12.67 4.29 -13.52
CA ILE A 247 12.07 3.58 -14.62
C ILE A 247 13.05 3.51 -15.82
C1 2K6 B . 2.77 -1.31 12.21
O1 2K6 B . 2.92 -0.80 10.93
C2 2K6 B . 3.21 0.35 10.26
C3 2K6 B . 3.24 1.60 10.84
C4 2K6 B . 3.55 2.76 10.15
C5 2K6 B . 3.51 0.33 8.90
C6 2K6 B . 3.80 1.47 8.17
C7 2K6 B . 3.83 2.73 8.79
C8 2K6 B . 4.12 3.99 8.05
C9 2K6 B . 2.87 4.86 7.83
C10 2K6 B . 1.94 4.23 6.75
C11 2K6 B . 0.60 3.66 7.20
C12 2K6 B . 5.49 4.69 8.35
C13 2K6 B . 5.41 5.43 9.66
N1 2K6 B . 5.39 6.07 10.64
S SO4 C . 9.74 13.88 0.21
O1 SO4 C . 9.63 15.21 0.84
O2 SO4 C . 10.00 14.04 -1.23
O3 SO4 C . 10.85 13.12 0.85
O4 SO4 C . 8.47 13.14 0.44
S SO4 D . 12.36 -12.15 10.79
O1 SO4 D . 12.53 -10.87 11.55
O2 SO4 D . 12.17 -11.84 9.36
O3 SO4 D . 13.60 -12.95 10.98
O4 SO4 D . 11.20 -12.90 11.32
C1 GOL E . -3.42 -0.28 -17.60
O1 GOL E . -4.21 -1.39 -18.01
C2 GOL E . -2.33 0.11 -18.60
O2 GOL E . -1.25 -0.77 -18.44
C3 GOL E . -2.30 1.30 -19.51
O3 GOL E . -1.55 2.41 -19.05
H11 GOL E . -3.00 -0.47 -16.75
H12 GOL E . -3.99 0.49 -17.46
HO1 GOL E . -3.73 -1.93 -18.42
HO2 GOL E . -1.53 -1.52 -18.20
H31 GOL E . -3.20 1.59 -19.68
H32 GOL E . -1.93 1.02 -20.37
HO3 GOL E . -1.59 3.03 -19.62
C1 GOL F . -16.63 -9.01 11.89
O1 GOL F . -17.21 -7.96 11.11
C2 GOL F . -15.54 -8.49 12.83
O2 GOL F . -15.77 -8.90 14.20
C3 GOL F . -14.21 -9.12 12.37
O3 GOL F . -13.17 -8.49 13.09
H11 GOL F . -16.25 -9.69 11.31
H12 GOL F . -17.32 -9.44 12.42
HO1 GOL F . -16.84 -7.96 10.35
H2 GOL F . -15.53 -7.52 12.79
HO2 GOL F . -15.03 -8.98 14.60
H31 GOL F . -14.08 -9.00 11.42
H32 GOL F . -14.20 -10.07 12.54
HO3 GOL F . -13.13 -8.81 13.87
#